data_5M47
#
_entry.id   5M47
#
_cell.length_a   155.695
_cell.length_b   155.695
_cell.length_c   155.695
_cell.angle_alpha   90.000
_cell.angle_beta   90.000
_cell.angle_gamma   90.000
#
_symmetry.space_group_name_H-M   'P 43 3 2'
#
loop_
_entity.id
_entity.type
_entity.pdbx_description
1 polymer 'Diaminopimelate epimerase'
2 non-polymer '2,6-DIAMINOPIMELIC ACID'
3 water water
#
_entity_poly.entity_id   1
_entity_poly.type   'polypeptide(L)'
_entity_poly.pdbx_seq_one_letter_code
;MNLTIPFAKGHATENDFIIIPDEDARLDLTPEMVVTLCDRRAGIGADGILRVVKAADVEGSTVDPSLWFMDYRNADGSLA
EMCGNGVRLFAHWLYSRGLVDNTSFDIGTRAGVRHVDILQADQHSAQVRVDMGIPDVTGLSTCDINGQVFAGLGVDMGNP
HLACVVPGLSASALADMELRAPTFDQEFFPHGVNVEIVTELEDDAVSMRVWERGVGETRSCGTGTVAAACAALADAGLGE
GTVKVCVPGGEVEVQIFDDGSTLTGPSAIIALGEVQIHHHHHH
;
_entity_poly.pdbx_strand_id   A
#
# COMPACT_ATOMS: atom_id res chain seq x y z
N MET A 1 4.99 32.86 -1.86
CA MET A 1 5.30 32.65 -0.41
C MET A 1 5.29 31.14 -0.23
N ASN A 2 6.46 30.61 0.02
CA ASN A 2 6.61 29.20 -0.02
C ASN A 2 7.05 28.61 1.27
N LEU A 3 6.59 27.39 1.48
CA LEU A 3 6.86 26.66 2.65
C LEU A 3 8.07 25.77 2.48
N THR A 4 8.77 25.53 3.56
CA THR A 4 9.91 24.68 3.56
C THR A 4 9.65 23.53 4.47
N ILE A 5 9.56 22.35 3.89
CA ILE A 5 9.14 21.17 4.63
C ILE A 5 10.22 20.12 4.75
N PRO A 6 10.63 19.78 5.97
CA PRO A 6 11.56 18.63 6.14
C PRO A 6 10.96 17.35 5.70
N PHE A 7 11.68 16.47 5.01
CA PHE A 7 11.12 15.19 4.57
C PHE A 7 12.21 14.14 4.39
N ALA A 8 11.75 12.90 4.24
CA ALA A 8 12.55 11.75 3.90
C ALA A 8 11.86 11.02 2.75
N LYS A 9 12.67 10.34 1.93
CA LYS A 9 12.16 9.58 0.80
C LYS A 9 12.51 8.14 1.05
N GLY A 10 11.63 7.24 0.63
CA GLY A 10 11.80 5.82 0.90
C GLY A 10 10.90 4.98 0.06
N HIS A 11 11.08 3.68 0.13
CA HIS A 11 10.16 2.81 -0.58
C HIS A 11 10.06 1.48 0.11
N ALA A 12 9.05 0.76 -0.33
CA ALA A 12 8.81 -0.59 0.11
C ALA A 12 8.40 -1.42 -1.12
N THR A 13 9.31 -2.28 -1.60
CA THR A 13 9.19 -2.93 -2.88
C THR A 13 8.96 -1.93 -4.03
N GLU A 14 9.63 -0.79 -4.01
CA GLU A 14 9.66 0.26 -5.09
C GLU A 14 8.30 0.95 -5.29
N ASN A 15 7.51 0.86 -4.23
CA ASN A 15 6.29 1.62 -4.11
C ASN A 15 6.76 2.65 -3.13
N ASP A 16 6.85 3.89 -3.59
CA ASP A 16 7.67 4.92 -2.89
C ASP A 16 6.88 6.08 -2.35
N PHE A 17 7.44 6.60 -1.29
CA PHE A 17 6.74 7.50 -0.45
C PHE A 17 7.58 8.70 -0.08
N ILE A 18 6.88 9.80 0.20
CA ILE A 18 7.51 10.91 0.85
C ILE A 18 7.00 10.95 2.26
N ILE A 19 7.91 10.91 3.23
CA ILE A 19 7.59 10.93 4.66
C ILE A 19 7.68 12.38 5.13
N ILE A 20 6.60 12.94 5.64
CA ILE A 20 6.63 14.25 6.28
C ILE A 20 6.44 14.08 7.78
N PRO A 21 7.50 14.26 8.54
CA PRO A 21 7.39 14.36 10.01
C PRO A 21 6.45 15.47 10.41
N ASP A 22 5.48 15.22 11.28
CA ASP A 22 4.56 16.31 11.68
C ASP A 22 3.92 16.09 13.01
N GLU A 23 4.75 15.94 14.01
CA GLU A 23 4.22 15.76 15.33
C GLU A 23 3.42 16.97 15.87
N ASP A 24 3.80 18.20 15.56
CA ASP A 24 3.00 19.38 15.98
C ASP A 24 1.71 19.68 15.20
N ALA A 25 1.50 18.82 14.22
CA ALA A 25 0.28 18.71 13.49
C ALA A 25 -0.02 19.98 12.79
N ARG A 26 0.97 20.51 12.12
CA ARG A 26 0.85 21.81 11.47
C ARG A 26 1.11 21.73 9.97
N LEU A 27 1.00 20.55 9.37
CA LEU A 27 1.20 20.33 7.93
C LEU A 27 0.15 19.36 7.37
N ASP A 28 -1.13 19.58 7.66
CA ASP A 28 -2.22 18.79 7.06
C ASP A 28 -2.35 19.31 5.64
N LEU A 29 -1.40 18.95 4.80
CA LEU A 29 -1.41 19.33 3.41
C LEU A 29 -2.76 19.25 2.69
N THR A 30 -2.99 20.25 1.86
CA THR A 30 -4.11 20.22 0.97
C THR A 30 -3.80 19.26 -0.13
N PRO A 31 -4.83 18.83 -0.85
CA PRO A 31 -4.56 17.88 -1.94
C PRO A 31 -3.73 18.41 -3.14
N GLU A 32 -3.69 19.73 -3.31
CA GLU A 32 -2.98 20.37 -4.43
C GLU A 32 -1.52 20.29 -4.15
N MET A 33 -1.21 20.58 -2.89
CA MET A 33 0.11 20.45 -2.39
C MET A 33 0.62 19.00 -2.45
N VAL A 34 -0.23 18.01 -2.20
CA VAL A 34 0.16 16.61 -2.28
C VAL A 34 0.58 16.30 -3.70
N VAL A 35 -0.26 16.76 -4.61
CA VAL A 35 -0.04 16.58 -6.02
C VAL A 35 1.26 17.20 -6.46
N THR A 36 1.49 18.45 -6.06
CA THR A 36 2.73 19.13 -6.36
C THR A 36 3.96 18.35 -5.92
N LEU A 37 3.97 17.91 -4.66
CA LEU A 37 5.07 17.12 -4.13
C LEU A 37 5.27 15.78 -4.79
N CYS A 38 4.23 14.99 -4.94
CA CYS A 38 4.35 13.73 -5.68
C CYS A 38 4.61 13.87 -7.19
N ASP A 39 4.56 15.07 -7.75
CA ASP A 39 5.08 15.30 -9.12
C ASP A 39 6.62 15.32 -9.19
N ARG A 40 7.24 14.35 -9.87
CA ARG A 40 8.72 14.23 -9.77
C ARG A 40 9.40 15.52 -10.25
N ARG A 41 8.93 16.09 -11.36
CA ARG A 41 9.62 17.23 -12.01
C ARG A 41 9.44 18.55 -11.24
N ALA A 42 8.17 18.83 -10.97
CA ALA A 42 7.76 20.03 -10.27
C ALA A 42 8.10 20.01 -8.81
N GLY A 43 8.03 18.83 -8.19
CA GLY A 43 8.37 18.59 -6.77
C GLY A 43 9.47 17.55 -6.61
N ILE A 44 9.17 16.51 -5.81
CA ILE A 44 10.05 15.35 -5.53
C ILE A 44 9.75 14.05 -6.24
N GLY A 45 8.48 13.69 -6.22
CA GLY A 45 7.98 12.50 -6.90
C GLY A 45 7.76 11.36 -5.93
N ALA A 46 6.55 10.78 -5.98
CA ALA A 46 6.23 9.60 -5.21
C ALA A 46 4.90 8.96 -5.64
N ASP A 47 4.68 7.70 -5.20
CA ASP A 47 3.37 7.01 -5.36
C ASP A 47 2.37 7.63 -4.32
N GLY A 48 2.89 8.06 -3.17
CA GLY A 48 2.11 8.90 -2.26
C GLY A 48 2.90 9.49 -1.07
N ILE A 49 2.15 9.91 -0.05
CA ILE A 49 2.74 10.56 1.14
C ILE A 49 2.38 9.87 2.46
N LEU A 50 3.35 9.77 3.37
CA LEU A 50 3.11 9.35 4.75
C LEU A 50 3.43 10.48 5.65
N ARG A 51 2.41 11.10 6.20
CA ARG A 51 2.63 12.17 7.12
C ARG A 51 2.57 11.57 8.52
N VAL A 52 3.54 11.92 9.34
CA VAL A 52 3.75 11.25 10.62
C VAL A 52 3.27 12.14 11.73
N VAL A 53 2.25 11.66 12.41
CA VAL A 53 1.39 12.49 13.27
C VAL A 53 0.77 11.56 14.35
N LYS A 54 0.44 12.09 15.49
CA LYS A 54 -0.21 11.25 16.49
C LYS A 54 -1.64 11.13 16.18
N ALA A 55 -2.22 9.98 16.52
CA ALA A 55 -3.69 9.81 16.34
C ALA A 55 -4.53 10.94 17.01
N ALA A 56 -4.05 11.47 18.10
CA ALA A 56 -4.70 12.59 18.77
C ALA A 56 -5.03 13.81 17.87
N ASP A 57 -4.19 13.94 16.82
CA ASP A 57 -4.21 15.15 16.03
C ASP A 57 -4.58 14.88 14.62
N VAL A 58 -5.29 13.78 14.42
CA VAL A 58 -5.76 13.47 13.07
C VAL A 58 -7.28 13.45 12.81
N GLU A 59 -7.69 14.29 11.90
CA GLU A 59 -9.08 14.51 11.72
C GLU A 59 -9.80 13.25 11.24
N GLY A 60 -10.84 12.93 11.98
CA GLY A 60 -11.74 11.82 11.77
C GLY A 60 -11.32 10.51 12.40
N SER A 61 -10.13 10.45 12.97
CA SER A 61 -9.73 9.23 13.60
C SER A 61 -10.32 9.11 14.98
N THR A 62 -10.73 7.91 15.33
CA THR A 62 -11.08 7.63 16.72
C THR A 62 -10.26 6.49 17.31
N VAL A 63 -9.08 6.20 16.75
CA VAL A 63 -8.18 5.23 17.39
C VAL A 63 -7.48 5.85 18.59
N ASP A 64 -6.76 5.02 19.33
CA ASP A 64 -6.17 5.41 20.59
C ASP A 64 -5.30 6.62 20.36
N PRO A 65 -5.63 7.79 20.95
CA PRO A 65 -4.87 9.01 20.63
C PRO A 65 -3.37 8.97 20.87
N SER A 66 -2.92 8.06 21.74
CA SER A 66 -1.50 7.92 22.05
C SER A 66 -0.64 7.25 20.96
N LEU A 67 -1.23 6.69 19.91
CA LEU A 67 -0.49 5.97 18.86
C LEU A 67 0.00 6.85 17.76
N TRP A 68 1.04 6.41 17.07
CA TRP A 68 1.42 7.11 15.86
C TRP A 68 0.41 6.78 14.76
N PHE A 69 0.12 7.75 13.93
CA PHE A 69 -0.91 7.58 12.93
C PHE A 69 -0.27 7.78 11.58
N MET A 70 -0.58 6.88 10.67
CA MET A 70 -0.06 6.90 9.31
C MET A 70 -1.05 7.64 8.45
N ASP A 71 -0.85 8.94 8.29
CA ASP A 71 -1.69 9.72 7.44
C ASP A 71 -1.29 9.58 5.94
N TYR A 72 -1.80 8.56 5.25
CA TYR A 72 -1.43 8.23 3.88
C TYR A 72 -2.24 9.04 2.89
N ARG A 73 -1.57 9.66 1.93
CA ARG A 73 -2.28 10.35 0.83
C ARG A 73 -1.77 9.75 -0.48
N ASN A 74 -2.68 9.44 -1.40
CA ASN A 74 -2.28 9.07 -2.78
C ASN A 74 -1.71 10.19 -3.58
N ALA A 75 -0.94 9.85 -4.61
CA ALA A 75 -0.30 10.87 -5.47
C ALA A 75 -1.22 11.89 -6.11
N ASP A 76 -2.48 11.54 -6.36
CA ASP A 76 -3.47 12.53 -6.84
C ASP A 76 -4.15 13.33 -5.77
N GLY A 77 -3.76 13.16 -4.50
CA GLY A 77 -4.31 13.95 -3.38
C GLY A 77 -5.41 13.25 -2.58
N SER A 78 -6.10 12.36 -3.27
CA SER A 78 -6.94 11.31 -2.76
C SER A 78 -6.42 10.66 -1.44
N LEU A 79 -7.29 10.59 -0.42
CA LEU A 79 -7.03 9.78 0.81
C LEU A 79 -7.24 8.31 0.52
N ALA A 80 -6.69 7.43 1.37
CA ALA A 80 -7.01 5.99 1.25
C ALA A 80 -7.00 5.36 2.60
N GLU A 81 -7.74 4.27 2.68
CA GLU A 81 -7.98 3.75 4.00
C GLU A 81 -6.85 2.90 4.55
N MET A 82 -6.05 2.31 3.69
CA MET A 82 -4.87 1.60 4.19
C MET A 82 -3.82 1.62 3.15
N CYS A 83 -2.59 1.41 3.60
CA CYS A 83 -1.49 1.20 2.72
C CYS A 83 -0.47 0.21 3.32
N GLY A 84 -0.51 -1.02 2.82
CA GLY A 84 0.41 -2.09 3.23
C GLY A 84 1.91 -1.79 3.14
N ASN A 85 2.37 -1.37 1.96
CA ASN A 85 3.79 -1.00 1.79
C ASN A 85 4.11 0.22 2.65
N GLY A 86 3.24 1.19 2.63
CA GLY A 86 3.37 2.34 3.52
C GLY A 86 3.58 1.97 4.98
N VAL A 87 2.74 1.07 5.50
CA VAL A 87 2.84 0.67 6.90
C VAL A 87 4.27 0.18 7.23
N ARG A 88 4.88 -0.55 6.30
CA ARG A 88 6.20 -1.11 6.52
C ARG A 88 7.26 0.00 6.59
N LEU A 89 7.26 0.87 5.60
CA LEU A 89 8.12 2.03 5.67
C LEU A 89 7.87 2.95 6.88
N PHE A 90 6.61 3.05 7.30
CA PHE A 90 6.27 3.93 8.40
C PHE A 90 6.83 3.36 9.70
N ALA A 91 6.62 2.09 9.87
CA ALA A 91 7.24 1.36 11.00
C ALA A 91 8.76 1.48 11.01
N HIS A 92 9.37 1.26 9.84
CA HIS A 92 10.81 1.39 9.66
C HIS A 92 11.27 2.77 10.12
N TRP A 93 10.56 3.78 9.66
CA TRP A 93 10.91 5.14 10.02
C TRP A 93 10.82 5.32 11.52
N LEU A 94 9.68 5.04 12.11
CA LEU A 94 9.49 5.27 13.53
C LEU A 94 10.50 4.59 14.38
N TYR A 95 10.83 3.36 14.01
CA TYR A 95 11.75 2.55 14.84
C TYR A 95 13.15 3.09 14.73
N SER A 96 13.54 3.31 13.47
CA SER A 96 14.89 3.66 13.14
C SER A 96 15.24 5.02 13.62
N ARG A 97 14.27 5.94 13.75
CA ARG A 97 14.51 7.24 14.38
C ARG A 97 14.25 7.20 15.91
N GLY A 98 14.09 6.04 16.50
CA GLY A 98 13.76 5.97 17.89
C GLY A 98 12.48 6.67 18.34
N LEU A 99 11.49 6.88 17.47
CA LEU A 99 10.17 7.39 17.94
C LEU A 99 9.27 6.35 18.59
N VAL A 100 9.59 5.06 18.48
CA VAL A 100 9.08 4.01 19.36
C VAL A 100 10.31 3.26 19.85
N ASP A 101 10.10 2.36 20.82
CA ASP A 101 11.22 1.54 21.35
C ASP A 101 10.75 0.16 21.66
N ASN A 102 10.04 -0.40 20.72
CA ASN A 102 9.91 -1.80 20.69
C ASN A 102 9.95 -2.18 19.24
N THR A 103 10.43 -3.39 18.99
CA THR A 103 10.33 -3.99 17.66
C THR A 103 8.87 -4.39 17.31
N SER A 104 7.99 -4.36 18.29
CA SER A 104 6.66 -4.80 18.11
C SER A 104 5.68 -3.77 18.68
N PHE A 105 4.83 -3.21 17.81
CA PHE A 105 3.95 -2.11 18.22
C PHE A 105 2.74 -1.90 17.32
N ASP A 106 1.85 -1.04 17.78
CA ASP A 106 0.63 -0.72 17.09
C ASP A 106 0.71 0.65 16.40
N ILE A 107 0.12 0.73 15.22
CA ILE A 107 0.02 1.94 14.41
C ILE A 107 -1.43 2.24 14.06
N GLY A 108 -1.83 3.51 14.08
CA GLY A 108 -3.17 3.90 13.65
C GLY A 108 -3.22 4.17 12.16
N THR A 109 -4.30 3.73 11.53
CA THR A 109 -4.56 3.98 10.13
C THR A 109 -6.03 4.34 9.93
N ARG A 110 -6.37 4.70 8.70
CA ARG A 110 -7.74 5.00 8.44
C ARG A 110 -8.65 3.76 8.43
N ALA A 111 -8.08 2.57 8.50
CA ALA A 111 -8.86 1.35 8.68
C ALA A 111 -8.71 0.84 10.12
N GLY A 112 -8.18 1.66 11.00
CA GLY A 112 -7.98 1.26 12.38
C GLY A 112 -6.58 0.79 12.65
N VAL A 113 -6.44 0.08 13.78
CA VAL A 113 -5.14 -0.29 14.28
C VAL A 113 -4.49 -1.38 13.46
N ARG A 114 -3.19 -1.33 13.25
CA ARG A 114 -2.48 -2.40 12.58
C ARG A 114 -1.26 -2.73 13.41
N HIS A 115 -1.07 -3.99 13.71
CA HIS A 115 0.09 -4.33 14.52
C HIS A 115 1.28 -4.59 13.60
N VAL A 116 2.48 -4.21 14.00
CA VAL A 116 3.68 -4.58 13.21
C VAL A 116 4.79 -5.19 14.03
N ASP A 117 5.58 -6.01 13.34
CA ASP A 117 6.82 -6.58 13.88
C ASP A 117 8.00 -6.26 13.00
N ILE A 118 8.94 -5.57 13.61
CA ILE A 118 10.22 -5.33 12.99
C ILE A 118 11.07 -6.59 13.13
N LEU A 119 11.44 -7.17 12.00
CA LEU A 119 12.25 -8.40 11.98
C LEU A 119 13.72 -8.11 11.81
N GLN A 120 14.05 -7.13 10.99
CA GLN A 120 15.41 -6.71 10.81
C GLN A 120 15.39 -5.20 10.50
N ALA A 121 16.33 -4.41 11.01
CA ALA A 121 16.35 -2.97 10.73
C ALA A 121 17.74 -2.30 10.88
N ASP A 122 18.10 -1.46 9.89
CA ASP A 122 19.27 -0.53 9.88
C ASP A 122 18.74 0.88 9.85
N GLN A 123 19.66 1.84 9.70
CA GLN A 123 19.33 3.19 9.27
C GLN A 123 18.62 3.22 7.91
N HIS A 124 18.98 2.27 7.01
CA HIS A 124 18.58 2.28 5.60
C HIS A 124 17.68 1.18 5.16
N SER A 125 17.77 0.01 5.78
CA SER A 125 16.87 -1.10 5.44
C SER A 125 16.12 -1.80 6.53
N ALA A 126 15.00 -2.41 6.18
CA ALA A 126 14.32 -3.29 7.10
C ALA A 126 13.47 -4.36 6.46
N GLN A 127 13.12 -5.34 7.31
CA GLN A 127 12.07 -6.29 7.02
C GLN A 127 11.03 -6.10 8.08
N VAL A 128 9.78 -5.94 7.64
CA VAL A 128 8.69 -5.68 8.56
C VAL A 128 7.57 -6.67 8.27
N ARG A 129 7.02 -7.26 9.34
CA ARG A 129 5.76 -8.00 9.24
C ARG A 129 4.57 -7.17 9.71
N VAL A 130 3.50 -7.19 8.93
CA VAL A 130 2.27 -6.49 9.30
C VAL A 130 1.07 -7.42 9.54
N ASP A 131 0.45 -7.37 10.73
CA ASP A 131 -0.90 -7.96 10.93
C ASP A 131 -1.90 -7.15 10.03
N MET A 132 -2.33 -7.71 8.91
CA MET A 132 -3.27 -7.07 8.02
C MET A 132 -4.73 -7.29 8.33
N GLY A 133 -5.08 -7.99 9.40
CA GLY A 133 -6.48 -8.32 9.69
C GLY A 133 -7.02 -9.36 8.73
N ILE A 134 -8.32 -9.56 8.74
CA ILE A 134 -8.93 -10.63 7.93
C ILE A 134 -9.34 -10.14 6.54
N PRO A 135 -8.92 -10.80 5.45
CA PRO A 135 -9.51 -10.47 4.13
C PRO A 135 -10.97 -10.84 4.07
N ASP A 136 -11.76 -9.84 3.77
CA ASP A 136 -13.14 -10.02 3.66
C ASP A 136 -13.38 -10.07 2.15
N VAL A 137 -13.85 -11.21 1.70
CA VAL A 137 -14.18 -11.42 0.30
C VAL A 137 -15.59 -10.94 0.07
N THR A 138 -15.71 -10.00 -0.81
CA THR A 138 -16.83 -9.14 -0.87
C THR A 138 -17.85 -9.67 -1.88
N GLY A 139 -17.45 -10.62 -2.72
CA GLY A 139 -18.26 -11.07 -3.85
C GLY A 139 -17.39 -11.16 -5.09
N LEU A 140 -18.01 -11.22 -6.27
CA LEU A 140 -17.36 -11.38 -7.57
C LEU A 140 -17.83 -10.30 -8.48
N SER A 141 -16.89 -9.80 -9.27
CA SER A 141 -17.12 -8.69 -10.18
C SER A 141 -16.10 -8.88 -11.28
N THR A 142 -16.14 -7.98 -12.23
CA THR A 142 -15.25 -8.00 -13.37
C THR A 142 -14.78 -6.57 -13.68
N CYS A 143 -13.78 -6.54 -14.57
CA CYS A 143 -13.28 -5.30 -15.16
C CYS A 143 -12.82 -5.55 -16.57
N ASP A 144 -12.67 -4.45 -17.28
CA ASP A 144 -12.12 -4.40 -18.61
C ASP A 144 -10.80 -3.61 -18.57
N ILE A 145 -9.76 -4.18 -19.17
CA ILE A 145 -8.50 -3.48 -19.32
C ILE A 145 -8.15 -3.59 -20.76
N ASN A 146 -8.37 -2.48 -21.45
CA ASN A 146 -7.92 -2.32 -22.80
C ASN A 146 -8.67 -3.33 -23.65
N GLY A 147 -9.98 -3.11 -23.77
CA GLY A 147 -10.88 -4.07 -24.42
C GLY A 147 -10.64 -5.56 -24.15
N GLN A 148 -10.39 -5.94 -22.91
CA GLN A 148 -10.41 -7.33 -22.57
C GLN A 148 -10.88 -7.54 -21.15
N VAL A 149 -11.83 -8.45 -20.92
CA VAL A 149 -12.42 -8.61 -19.58
C VAL A 149 -11.75 -9.67 -18.72
N PHE A 150 -11.73 -9.42 -17.43
CA PHE A 150 -11.21 -10.39 -16.46
C PHE A 150 -12.20 -10.46 -15.34
N ALA A 151 -12.24 -11.61 -14.72
CA ALA A 151 -13.13 -11.87 -13.66
C ALA A 151 -12.30 -11.92 -12.36
N GLY A 152 -12.83 -11.35 -11.28
CA GLY A 152 -12.09 -11.28 -10.03
C GLY A 152 -12.90 -11.48 -8.77
N LEU A 153 -12.17 -11.66 -7.67
CA LEU A 153 -12.69 -11.45 -6.35
C LEU A 153 -12.64 -10.00 -5.89
N GLY A 154 -13.76 -9.50 -5.40
CA GLY A 154 -13.74 -8.30 -4.60
C GLY A 154 -13.12 -8.71 -3.30
N VAL A 155 -12.18 -7.90 -2.79
CA VAL A 155 -11.62 -8.12 -1.45
C VAL A 155 -11.53 -6.78 -0.76
N ASP A 156 -11.92 -6.74 0.51
CA ASP A 156 -11.75 -5.57 1.34
C ASP A 156 -10.62 -5.85 2.30
N MET A 157 -9.55 -5.06 2.21
CA MET A 157 -8.32 -5.15 3.05
C MET A 157 -8.16 -3.91 3.90
N GLY A 158 -9.27 -3.22 4.15
CA GLY A 158 -9.26 -1.78 4.52
C GLY A 158 -9.78 -1.02 3.35
N ASN A 159 -9.08 -1.19 2.24
CA ASN A 159 -9.47 -0.63 0.94
C ASN A 159 -9.92 -1.66 -0.09
N PRO A 160 -10.52 -1.21 -1.21
CA PRO A 160 -11.13 -2.18 -2.12
C PRO A 160 -10.17 -2.73 -3.21
N HIS A 161 -10.33 -4.01 -3.52
CA HIS A 161 -9.53 -4.69 -4.52
C HIS A 161 -10.37 -5.55 -5.41
N LEU A 162 -9.86 -5.73 -6.61
CA LEU A 162 -10.41 -6.68 -7.56
C LEU A 162 -9.23 -7.55 -8.00
N ALA A 163 -9.17 -8.74 -7.46
CA ALA A 163 -8.05 -9.61 -7.72
C ALA A 163 -8.48 -10.63 -8.79
N CYS A 164 -7.93 -10.47 -9.98
CA CYS A 164 -8.22 -11.30 -11.12
C CYS A 164 -7.06 -12.27 -11.31
N VAL A 165 -7.24 -13.52 -10.91
CA VAL A 165 -6.31 -14.59 -11.24
C VAL A 165 -6.69 -15.02 -12.66
N VAL A 166 -5.69 -15.10 -13.53
CA VAL A 166 -5.96 -15.31 -14.95
C VAL A 166 -5.55 -16.72 -15.29
N PRO A 167 -6.53 -17.55 -15.70
CA PRO A 167 -6.19 -18.92 -16.05
C PRO A 167 -5.21 -18.96 -17.27
N GLY A 168 -4.08 -19.63 -17.07
CA GLY A 168 -3.09 -19.83 -18.11
C GLY A 168 -2.00 -18.81 -18.29
N LEU A 169 -2.05 -17.69 -17.59
CA LEU A 169 -1.10 -16.60 -17.83
C LEU A 169 0.31 -16.90 -17.27
N SER A 170 1.33 -16.78 -18.12
CA SER A 170 2.71 -16.91 -17.63
C SER A 170 3.11 -15.60 -17.02
N ALA A 171 4.22 -15.63 -16.30
CA ALA A 171 4.82 -14.39 -15.79
C ALA A 171 5.30 -13.47 -16.92
N SER A 172 5.95 -14.05 -17.91
CA SER A 172 6.48 -13.31 -19.05
C SER A 172 5.36 -12.72 -19.88
N ALA A 173 4.22 -13.42 -19.95
CA ALA A 173 3.03 -12.93 -20.64
C ALA A 173 2.47 -11.70 -19.94
N LEU A 174 2.49 -11.79 -18.60
CA LEU A 174 2.06 -10.75 -17.68
C LEU A 174 2.98 -9.54 -17.75
N ALA A 175 4.29 -9.76 -17.71
CA ALA A 175 5.27 -8.64 -17.89
C ALA A 175 4.98 -7.88 -19.19
N ASP A 176 4.50 -8.58 -20.20
CA ASP A 176 4.22 -8.00 -21.50
C ASP A 176 2.96 -7.21 -21.64
N MET A 177 1.93 -7.50 -20.87
CA MET A 177 0.64 -6.95 -21.23
C MET A 177 0.66 -5.48 -20.91
N GLU A 178 -0.09 -4.73 -21.69
CA GLU A 178 -0.03 -3.32 -21.60
C GLU A 178 -1.28 -2.86 -20.89
N LEU A 179 -1.10 -2.12 -19.78
CA LEU A 179 -2.19 -1.67 -18.90
C LEU A 179 -2.65 -0.23 -19.12
N ARG A 180 -3.94 -0.06 -18.90
CA ARG A 180 -4.64 1.17 -19.11
C ARG A 180 -5.55 1.15 -17.88
N ALA A 181 -5.94 2.34 -17.44
CA ALA A 181 -6.84 2.40 -16.30
C ALA A 181 -8.05 1.51 -16.62
N PRO A 182 -8.27 0.48 -15.80
CA PRO A 182 -9.40 -0.38 -16.02
C PRO A 182 -10.71 0.34 -15.86
N THR A 183 -11.75 -0.32 -16.33
CA THR A 183 -13.15 0.11 -16.19
C THR A 183 -13.82 -1.05 -15.44
N PHE A 184 -14.66 -0.70 -14.48
CA PHE A 184 -15.23 -1.66 -13.53
C PHE A 184 -16.69 -1.27 -13.23
N ASP A 185 -17.35 -2.15 -12.49
CA ASP A 185 -18.76 -1.96 -12.08
C ASP A 185 -18.79 -0.96 -10.92
N GLN A 186 -19.38 0.22 -11.13
CA GLN A 186 -19.35 1.27 -10.12
C GLN A 186 -20.46 1.14 -9.09
N GLU A 187 -21.31 0.14 -9.24
CA GLU A 187 -22.23 -0.17 -8.21
C GLU A 187 -21.50 -1.04 -7.23
N PHE A 188 -20.65 -1.92 -7.73
CA PHE A 188 -19.89 -2.81 -6.86
C PHE A 188 -18.78 -2.05 -6.12
N PHE A 189 -18.16 -1.09 -6.82
CA PHE A 189 -17.01 -0.30 -6.36
C PHE A 189 -17.36 1.19 -6.55
N PRO A 190 -18.32 1.66 -5.73
CA PRO A 190 -18.72 3.06 -5.74
C PRO A 190 -17.62 4.07 -5.45
N HIS A 191 -16.49 3.63 -4.90
CA HIS A 191 -15.40 4.49 -4.51
C HIS A 191 -14.13 4.26 -5.26
N GLY A 192 -14.20 3.50 -6.33
CA GLY A 192 -12.98 3.19 -7.03
C GLY A 192 -12.41 1.92 -6.46
N VAL A 193 -11.31 1.49 -7.07
CA VAL A 193 -10.85 0.15 -6.79
C VAL A 193 -9.45 -0.02 -7.28
N ASN A 194 -8.72 -0.83 -6.52
CA ASN A 194 -7.38 -1.25 -6.86
C ASN A 194 -7.54 -2.53 -7.64
N VAL A 195 -6.88 -2.64 -8.79
CA VAL A 195 -6.98 -3.89 -9.56
C VAL A 195 -5.66 -4.63 -9.65
N GLU A 196 -5.72 -5.92 -9.39
CA GLU A 196 -4.56 -6.78 -9.48
C GLU A 196 -4.79 -7.86 -10.54
N ILE A 197 -3.83 -8.01 -11.46
CA ILE A 197 -3.80 -9.11 -12.41
C ILE A 197 -2.81 -10.14 -11.93
N VAL A 198 -3.26 -11.38 -11.81
CA VAL A 198 -2.47 -12.38 -11.10
C VAL A 198 -2.33 -13.70 -11.86
N THR A 199 -1.18 -14.34 -11.72
CA THR A 199 -0.95 -15.68 -12.24
C THR A 199 -1.45 -16.67 -11.23
N GLU A 200 -1.80 -17.88 -11.69
CA GLU A 200 -2.30 -18.97 -10.83
C GLU A 200 -1.20 -19.44 -9.90
N LEU A 201 -1.62 -19.97 -8.76
CA LEU A 201 -0.66 -20.51 -7.77
C LEU A 201 0.26 -21.61 -8.39
N GLU A 202 1.55 -21.61 -8.06
CA GLU A 202 2.48 -22.59 -8.57
C GLU A 202 3.74 -22.47 -7.78
N ASP A 203 4.20 -23.56 -7.20
CA ASP A 203 5.39 -23.58 -6.32
C ASP A 203 5.19 -22.61 -5.18
N ASP A 204 3.95 -22.55 -4.67
CA ASP A 204 3.57 -21.54 -3.67
C ASP A 204 3.91 -20.07 -4.03
N ALA A 205 3.84 -19.70 -5.30
CA ALA A 205 4.15 -18.35 -5.77
C ALA A 205 3.19 -17.89 -6.84
N VAL A 206 2.90 -16.60 -6.84
CA VAL A 206 2.22 -15.96 -7.96
C VAL A 206 2.96 -14.72 -8.36
N SER A 207 2.55 -14.20 -9.50
CA SER A 207 3.14 -12.99 -10.03
C SER A 207 2.01 -12.01 -10.31
N MET A 208 2.29 -10.74 -10.07
CA MET A 208 1.21 -9.78 -10.02
C MET A 208 1.64 -8.45 -10.57
N ARG A 209 0.70 -7.80 -11.25
CA ARG A 209 0.78 -6.36 -11.51
C ARG A 209 -0.45 -5.65 -11.01
N VAL A 210 -0.42 -4.33 -10.90
CA VAL A 210 -1.51 -3.69 -10.19
C VAL A 210 -1.75 -2.33 -10.71
N TRP A 211 -3.02 -1.94 -10.82
CA TRP A 211 -3.36 -0.54 -11.19
C TRP A 211 -4.07 0.11 -10.00
N GLU A 212 -3.28 0.86 -9.23
CA GLU A 212 -3.74 1.47 -7.99
C GLU A 212 -4.70 2.62 -8.29
N ARG A 213 -5.82 2.60 -7.60
CA ARG A 213 -6.64 3.77 -7.43
C ARG A 213 -5.78 4.98 -6.96
N GLY A 214 -5.99 6.14 -7.55
CA GLY A 214 -5.29 7.34 -7.12
C GLY A 214 -3.93 7.58 -7.74
N VAL A 215 -3.38 6.55 -8.35
CA VAL A 215 -1.96 6.50 -8.66
C VAL A 215 -1.66 5.92 -10.02
N GLY A 216 -2.18 4.76 -10.37
CA GLY A 216 -1.86 4.14 -11.65
C GLY A 216 -1.02 2.89 -11.41
N GLU A 217 -0.17 2.46 -12.37
CA GLU A 217 0.59 1.23 -12.11
C GLU A 217 1.66 1.53 -11.07
N THR A 218 1.87 0.66 -10.09
CA THR A 218 2.95 0.86 -9.17
C THR A 218 3.82 -0.34 -9.23
N ARG A 219 5.05 -0.20 -8.72
CA ARG A 219 5.91 -1.39 -8.74
C ARG A 219 5.51 -2.42 -7.67
N SER A 220 4.58 -2.07 -6.79
CA SER A 220 4.10 -2.99 -5.74
C SER A 220 2.83 -2.41 -5.08
N CYS A 221 1.99 -3.29 -4.53
CA CYS A 221 0.88 -2.83 -3.71
C CYS A 221 0.57 -3.85 -2.62
N GLY A 222 0.94 -3.52 -1.41
CA GLY A 222 0.90 -4.42 -0.27
C GLY A 222 -0.46 -4.93 0.10
N THR A 223 -1.49 -4.09 0.08
CA THR A 223 -2.80 -4.58 0.40
C THR A 223 -3.23 -5.48 -0.76
N GLY A 224 -2.83 -5.09 -1.97
CA GLY A 224 -3.17 -5.86 -3.17
C GLY A 224 -2.48 -7.22 -3.27
N THR A 225 -1.32 -7.35 -2.65
CA THR A 225 -0.64 -8.61 -2.66
C THR A 225 -1.42 -9.59 -1.84
N VAL A 226 -2.01 -9.12 -0.75
CA VAL A 226 -2.80 -9.99 0.12
C VAL A 226 -4.07 -10.33 -0.60
N ALA A 227 -4.67 -9.36 -1.25
CA ALA A 227 -5.84 -9.60 -2.08
C ALA A 227 -5.51 -10.68 -3.11
N ALA A 228 -4.37 -10.53 -3.79
CA ALA A 228 -3.95 -11.50 -4.81
C ALA A 228 -3.74 -12.90 -4.23
N ALA A 229 -3.10 -12.98 -3.06
CA ALA A 229 -2.84 -14.25 -2.39
C ALA A 229 -4.13 -14.95 -1.97
N CYS A 230 -5.16 -14.23 -1.52
CA CYS A 230 -6.48 -14.87 -1.36
C CYS A 230 -6.97 -15.48 -2.64
N ALA A 231 -6.97 -14.69 -3.69
CA ALA A 231 -7.58 -15.07 -4.94
C ALA A 231 -6.90 -16.28 -5.53
N ALA A 232 -5.57 -16.33 -5.38
CA ALA A 232 -4.77 -17.38 -5.94
C ALA A 232 -5.01 -18.67 -5.17
N LEU A 233 -5.01 -18.56 -3.84
CA LEU A 233 -5.40 -19.67 -2.97
C LEU A 233 -6.82 -20.16 -3.23
N ALA A 234 -7.76 -19.24 -3.44
CA ALA A 234 -9.16 -19.63 -3.64
C ALA A 234 -9.26 -20.35 -4.96
N ASP A 235 -8.55 -19.86 -5.99
CA ASP A 235 -8.54 -20.50 -7.32
C ASP A 235 -7.84 -21.86 -7.33
N ALA A 236 -6.94 -22.09 -6.40
CA ALA A 236 -6.40 -23.42 -6.19
C ALA A 236 -7.28 -24.27 -5.26
N GLY A 237 -8.46 -23.80 -4.87
CA GLY A 237 -9.24 -24.49 -3.85
C GLY A 237 -8.76 -24.60 -2.40
N LEU A 238 -7.85 -23.74 -1.93
CA LEU A 238 -7.52 -23.66 -0.46
C LEU A 238 -8.09 -22.35 0.14
N GLY A 239 -8.06 -22.24 1.46
CA GLY A 239 -8.32 -20.96 2.09
C GLY A 239 -7.44 -20.68 3.27
N GLU A 240 -6.28 -21.31 3.28
CA GLU A 240 -5.20 -21.01 4.21
C GLU A 240 -3.97 -21.21 3.39
N GLY A 241 -2.88 -20.61 3.84
CA GLY A 241 -1.65 -20.79 3.10
C GLY A 241 -0.68 -19.66 3.21
N THR A 242 0.50 -19.96 2.69
CA THR A 242 1.63 -19.06 2.67
C THR A 242 2.08 -18.89 1.22
N VAL A 243 2.07 -17.66 0.73
CA VAL A 243 2.23 -17.40 -0.71
C VAL A 243 3.25 -16.30 -0.94
N LYS A 244 4.20 -16.55 -1.82
CA LYS A 244 5.14 -15.56 -2.24
C LYS A 244 4.58 -14.77 -3.45
N VAL A 245 4.43 -13.45 -3.33
CA VAL A 245 3.81 -12.68 -4.42
C VAL A 245 4.93 -11.92 -5.04
N CYS A 246 5.00 -11.93 -6.36
CA CYS A 246 6.11 -11.29 -7.07
C CYS A 246 5.61 -10.12 -7.82
N VAL A 247 6.23 -9.00 -7.53
CA VAL A 247 5.79 -7.78 -8.12
C VAL A 247 6.94 -7.18 -8.85
N PRO A 248 6.64 -6.24 -9.72
CA PRO A 248 7.72 -5.63 -10.44
C PRO A 248 8.85 -5.03 -9.59
N GLY A 249 8.57 -4.61 -8.34
CA GLY A 249 9.59 -4.05 -7.45
C GLY A 249 10.10 -5.04 -6.45
N GLY A 250 9.71 -6.31 -6.61
CA GLY A 250 10.27 -7.33 -5.74
C GLY A 250 9.40 -8.50 -5.35
N GLU A 251 9.55 -8.85 -4.08
CA GLU A 251 8.87 -9.98 -3.52
C GLU A 251 8.39 -9.69 -2.13
N VAL A 252 7.22 -10.22 -1.83
CA VAL A 252 6.68 -10.26 -0.48
C VAL A 252 6.14 -11.66 -0.18
N GLU A 253 6.00 -11.95 1.10
CA GLU A 253 5.43 -13.17 1.54
C GLU A 253 4.14 -12.84 2.29
N VAL A 254 3.03 -13.36 1.83
CA VAL A 254 1.73 -13.17 2.46
C VAL A 254 1.36 -14.48 3.09
N GLN A 255 0.61 -14.40 4.18
CA GLN A 255 0.20 -15.58 4.89
C GLN A 255 -1.26 -15.41 5.27
N ILE A 256 -2.03 -16.46 5.08
CA ILE A 256 -3.46 -16.36 5.24
C ILE A 256 -3.87 -17.44 6.23
N PHE A 257 -4.56 -17.04 7.27
CA PHE A 257 -5.22 -17.97 8.19
C PHE A 257 -6.73 -17.71 8.07
N ASP A 258 -7.54 -18.37 8.90
CA ASP A 258 -8.96 -17.95 9.06
C ASP A 258 -9.08 -16.81 10.05
N ASP A 259 -8.33 -16.92 11.14
CA ASP A 259 -8.25 -15.84 12.13
C ASP A 259 -7.63 -14.50 11.59
N GLY A 260 -6.90 -14.46 10.48
CA GLY A 260 -6.28 -13.19 10.02
C GLY A 260 -5.39 -13.27 8.81
N SER A 261 -4.45 -12.36 8.68
CA SER A 261 -3.44 -12.42 7.57
C SER A 261 -2.23 -11.50 7.81
N THR A 262 -1.09 -11.87 7.26
CA THR A 262 0.13 -11.09 7.38
C THR A 262 0.84 -10.87 6.06
N LEU A 263 1.65 -9.81 6.03
CA LEU A 263 2.37 -9.34 4.84
C LEU A 263 3.76 -9.00 5.31
N THR A 264 4.75 -9.73 4.82
CA THR A 264 6.14 -9.54 5.25
C THR A 264 6.98 -9.18 4.07
N GLY A 265 7.63 -8.02 4.17
CA GLY A 265 8.46 -7.53 3.09
C GLY A 265 9.45 -6.47 3.54
N PRO A 266 10.31 -6.05 2.58
CA PRO A 266 11.38 -5.10 2.82
C PRO A 266 10.92 -3.68 2.75
N SER A 267 11.75 -2.82 3.28
CA SER A 267 11.52 -1.40 3.28
C SER A 267 12.89 -0.71 3.20
N ALA A 268 12.94 0.49 2.63
CA ALA A 268 14.19 1.24 2.44
C ALA A 268 14.01 2.73 2.63
N ILE A 269 14.99 3.38 3.22
CA ILE A 269 14.95 4.81 3.46
C ILE A 269 16.09 5.42 2.65
N ILE A 270 15.73 6.11 1.59
CA ILE A 270 16.67 6.53 0.56
C ILE A 270 17.24 7.94 0.79
N ALA A 271 16.46 8.91 1.22
CA ALA A 271 17.01 10.28 1.28
C ALA A 271 16.38 11.11 2.36
N LEU A 272 17.07 12.14 2.83
CA LEU A 272 16.51 13.11 3.73
C LEU A 272 16.77 14.49 3.22
N GLY A 273 15.85 15.42 3.38
CA GLY A 273 16.17 16.80 3.09
C GLY A 273 15.05 17.74 3.39
N GLU A 274 15.04 18.86 2.68
CA GLU A 274 14.01 19.82 2.75
C GLU A 274 13.53 20.15 1.36
N VAL A 275 12.27 20.51 1.26
CA VAL A 275 11.65 20.78 -0.02
C VAL A 275 10.80 22.06 0.08
N GLN A 276 10.70 22.74 -1.06
CA GLN A 276 10.02 24.00 -1.33
C GLN A 276 8.69 23.73 -1.91
N ILE A 277 7.68 24.50 -1.55
CA ILE A 277 6.39 24.36 -2.22
C ILE A 277 5.58 25.63 -2.03
N HIS A 278 4.75 26.01 -3.02
CA HIS A 278 3.82 27.19 -2.94
C HIS A 278 2.38 26.93 -2.48
N HIS A 279 2.03 27.42 -1.27
CA HIS A 279 0.70 28.00 -0.97
C HIS A 279 0.28 28.86 -2.24
N HIS A 280 -0.94 28.69 -2.81
CA HIS A 280 -1.78 29.88 -3.23
C HIS A 280 -3.26 29.57 -3.25
C API B . -0.38 -0.45 -0.56
CA API B . -0.53 0.86 -1.30
C3 API B . -1.95 1.03 -1.78
C4 API B . -2.43 2.44 -1.51
C5 API B . -3.91 2.30 -1.78
C6 API B . -4.47 3.36 -2.70
C7 API B . -5.94 3.24 -2.72
O API B . 0.73 -0.77 -0.23
OXT API B . -1.35 -1.12 -0.20
O3 API B . -6.50 4.10 -3.39
O4 API B . -6.59 2.37 -2.08
N API B . 0.37 1.04 -2.42
N6 API B . -3.92 3.22 -4.03
#